data_4BMH
#
_entry.id   4BMH
#
_cell.length_a   75.885
_cell.length_b   75.885
_cell.length_c   76.517
_cell.angle_alpha   90.00
_cell.angle_beta   90.00
_cell.angle_gamma   120.00
#
_symmetry.space_group_name_H-M   'P 32 2 1'
#
loop_
_entity.id
_entity.type
_entity.pdbx_description
1 polymer ACETYLTRANSFERASE
2 non-polymer 'CHLORIDE ION'
3 water water
#
_entity_poly.entity_id   1
_entity_poly.type   'polypeptide(L)'
_entity_poly.pdbx_seq_one_letter_code
;MGSSHHHHHHSSGLEVLFQGPAMYGARDRVGRVSGDPGAPAPPVVQDAAMTPPPTPSPAVRPYRPDDREAVEDICVRTAH
AGRDSRPHYQDPGVFPAAFAAPYVHLEPELAFVLDDGAGQAVGYVLGTADTPRFVADYRAKWLPLVAGRYPEPRHPPRSP
DEEIVALLHRPERMLVPEVAAYPAHLHIDLLPDWQGRGYGRALMETFLRALHERGVAAVHLSMVSANTPARAFYDRLGFH
EIAVPHPGPVTYLGRSTAEEGR
;
_entity_poly.pdbx_strand_id   A
#
loop_
_chem_comp.id
_chem_comp.type
_chem_comp.name
_chem_comp.formula
CL non-polymer 'CHLORIDE ION' 'Cl -1'
#
# COMPACT_ATOMS: atom_id res chain seq x y z
N PRO A 56 -15.56 14.92 19.36
CA PRO A 56 -14.95 14.54 18.09
C PRO A 56 -14.13 13.26 18.22
N SER A 57 -14.61 12.18 17.60
CA SER A 57 -13.97 10.87 17.70
C SER A 57 -13.31 10.44 16.38
N PRO A 58 -12.26 9.61 16.47
CA PRO A 58 -11.62 9.09 15.26
C PRO A 58 -12.59 8.25 14.43
N ALA A 59 -12.45 8.30 13.11
CA ALA A 59 -13.34 7.56 12.22
C ALA A 59 -12.69 7.36 10.87
N VAL A 60 -13.08 6.28 10.21
CA VAL A 60 -12.67 6.04 8.83
C VAL A 60 -13.54 6.88 7.89
N ARG A 61 -12.92 7.51 6.90
CA ARG A 61 -13.63 8.24 5.87
C ARG A 61 -12.88 8.15 4.54
N PRO A 62 -13.54 8.51 3.43
CA PRO A 62 -12.80 8.56 2.16
C PRO A 62 -11.61 9.53 2.18
N TYR A 63 -10.56 9.15 1.49
CA TYR A 63 -9.43 10.02 1.22
C TYR A 63 -9.91 11.26 0.48
N ARG A 64 -9.31 12.39 0.81
CA ARG A 64 -9.46 13.63 0.02
C ARG A 64 -8.05 14.08 -0.38
N PRO A 65 -7.94 14.89 -1.45
CA PRO A 65 -6.60 15.37 -1.85
C PRO A 65 -5.82 16.10 -0.75
N ASP A 66 -6.50 16.76 0.19
CA ASP A 66 -5.77 17.41 1.28
C ASP A 66 -5.28 16.43 2.38
N ASP A 67 -5.52 15.14 2.18
CA ASP A 67 -4.88 14.09 2.98
C ASP A 67 -3.57 13.60 2.38
N ARG A 68 -3.19 14.10 1.19
CA ARG A 68 -2.02 13.56 0.47
C ARG A 68 -0.74 13.63 1.30
N GLU A 69 -0.48 14.81 1.88
CA GLU A 69 0.69 15.00 2.71
C GLU A 69 0.74 13.99 3.86
N ALA A 70 -0.38 13.84 4.57
CA ALA A 70 -0.41 12.92 5.69
C ALA A 70 -0.24 11.47 5.25
N VAL A 71 -0.91 11.08 4.16
CA VAL A 71 -0.75 9.71 3.65
C VAL A 71 0.70 9.41 3.29
N GLU A 72 1.36 10.34 2.61
CA GLU A 72 2.75 10.09 2.24
C GLU A 72 3.66 9.97 3.47
N ASP A 73 3.39 10.79 4.47
CA ASP A 73 4.15 10.77 5.72
C ASP A 73 3.92 9.46 6.49
N ILE A 74 2.67 9.00 6.54
CA ILE A 74 2.37 7.71 7.19
C ILE A 74 3.13 6.60 6.48
N CYS A 75 3.13 6.64 5.15
CA CYS A 75 3.87 5.67 4.35
C CYS A 75 5.36 5.66 4.70
N VAL A 76 5.97 6.83 4.70
CA VAL A 76 7.38 6.96 5.05
C VAL A 76 7.63 6.36 6.44
N ARG A 77 6.75 6.66 7.38
CA ARG A 77 6.97 6.29 8.79
C ARG A 77 6.67 4.82 9.09
N THR A 78 6.18 4.09 8.08
CA THR A 78 5.91 2.66 8.24
C THR A 78 6.56 1.76 7.17
N ALA A 79 7.38 2.35 6.31
CA ALA A 79 7.85 1.67 5.10
C ALA A 79 8.95 0.64 5.35
N HIS A 80 9.62 0.74 6.49
CA HIS A 80 10.76 -0.13 6.82
C HIS A 80 10.23 -1.34 7.59
N ALA A 81 9.67 -2.30 6.86
CA ALA A 81 8.97 -3.45 7.44
C ALA A 81 8.03 -3.05 8.60
N GLY A 82 7.22 -2.02 8.36
CA GLY A 82 6.28 -1.51 9.36
C GLY A 82 6.79 -0.35 10.20
N ARG A 83 8.10 -0.12 10.16
CA ARG A 83 8.74 0.89 11.01
C ARG A 83 9.23 2.11 10.22
N ASP A 84 9.71 3.12 10.92
CA ASP A 84 10.13 4.37 10.29
C ASP A 84 11.31 4.14 9.35
N SER A 85 11.15 4.59 8.10
CA SER A 85 12.22 4.47 7.09
C SER A 85 13.22 5.62 7.15
N ARG A 86 12.87 6.69 7.85
CA ARG A 86 13.71 7.90 7.84
C ARG A 86 15.15 7.69 8.33
N PRO A 87 15.37 6.87 9.38
CA PRO A 87 16.77 6.64 9.81
C PRO A 87 17.64 5.85 8.82
N HIS A 88 17.01 5.20 7.83
CA HIS A 88 17.68 4.19 7.02
C HIS A 88 17.88 4.56 5.55
N TYR A 89 17.28 5.68 5.14
CA TYR A 89 17.22 6.05 3.73
C TYR A 89 17.57 7.52 3.57
N GLN A 90 18.30 7.85 2.50
CA GLN A 90 18.65 9.24 2.20
C GLN A 90 17.45 10.05 1.70
N ASP A 91 16.62 9.44 0.84
CA ASP A 91 15.39 10.09 0.39
C ASP A 91 14.17 9.15 0.56
N PRO A 92 13.61 9.13 1.78
CA PRO A 92 12.50 8.21 2.06
C PRO A 92 11.24 8.49 1.25
N GLY A 93 11.18 9.65 0.58
CA GLY A 93 10.06 9.99 -0.32
C GLY A 93 9.88 8.99 -1.46
N VAL A 94 10.92 8.22 -1.77
CA VAL A 94 10.77 7.18 -2.78
C VAL A 94 9.68 6.16 -2.39
N PHE A 95 9.50 5.92 -1.09
CA PHE A 95 8.50 4.97 -0.64
C PHE A 95 7.07 5.37 -1.04
N PRO A 96 6.61 6.56 -0.63
CA PRO A 96 5.27 6.91 -1.11
C PRO A 96 5.18 7.12 -2.64
N ALA A 97 6.29 7.47 -3.27
CA ALA A 97 6.31 7.60 -4.73
C ALA A 97 6.00 6.26 -5.39
N ALA A 98 6.43 5.16 -4.76
CA ALA A 98 6.18 3.82 -5.29
C ALA A 98 4.92 3.14 -4.75
N PHE A 99 4.56 3.43 -3.50
CA PHE A 99 3.60 2.60 -2.76
C PHE A 99 2.37 3.32 -2.22
N ALA A 100 2.26 4.63 -2.45
CA ALA A 100 1.09 5.36 -1.93
C ALA A 100 0.56 6.38 -2.93
N ALA A 101 1.42 7.32 -3.34
CA ALA A 101 1.01 8.35 -4.29
C ALA A 101 0.37 7.83 -5.59
N PRO A 102 0.92 6.76 -6.24
CA PRO A 102 0.27 6.35 -7.50
C PRO A 102 -1.16 5.86 -7.29
N TYR A 103 -1.45 5.29 -6.12
CA TYR A 103 -2.79 4.81 -5.82
C TYR A 103 -3.79 5.94 -5.66
N VAL A 104 -3.41 6.97 -4.92
CA VAL A 104 -4.30 8.10 -4.74
C VAL A 104 -4.37 8.94 -6.01
N HIS A 105 -3.32 8.90 -6.83
CA HIS A 105 -3.34 9.57 -8.14
C HIS A 105 -4.33 8.91 -9.10
N LEU A 106 -4.24 7.58 -9.20
CA LEU A 106 -4.96 6.82 -10.23
C LEU A 106 -6.32 6.30 -9.77
N GLU A 107 -6.42 5.86 -8.50
CA GLU A 107 -7.66 5.24 -8.00
C GLU A 107 -8.01 5.78 -6.61
N PRO A 108 -8.18 7.12 -6.51
CA PRO A 108 -8.47 7.71 -5.17
C PRO A 108 -9.79 7.21 -4.59
N GLU A 109 -10.70 6.75 -5.43
CA GLU A 109 -11.97 6.19 -4.95
C GLU A 109 -11.83 4.92 -4.08
N LEU A 110 -10.66 4.28 -4.12
CA LEU A 110 -10.38 3.13 -3.26
C LEU A 110 -9.47 3.46 -2.08
N ALA A 111 -9.24 4.75 -1.84
CA ALA A 111 -8.42 5.17 -0.71
C ALA A 111 -9.27 5.70 0.43
N PHE A 112 -8.96 5.23 1.64
CA PHE A 112 -9.68 5.61 2.86
C PHE A 112 -8.66 5.93 3.91
N VAL A 113 -9.00 6.89 4.77
CA VAL A 113 -8.12 7.26 5.86
C VAL A 113 -8.78 7.13 7.20
N LEU A 114 -7.95 6.93 8.22
CA LEU A 114 -8.39 7.08 9.61
C LEU A 114 -8.18 8.52 10.02
N ASP A 115 -9.29 9.21 10.25
CA ASP A 115 -9.26 10.59 10.74
C ASP A 115 -9.08 10.55 12.25
N ASP A 116 -8.19 11.40 12.78
CA ASP A 116 -7.91 11.41 14.22
C ASP A 116 -9.01 12.06 15.06
N GLY A 117 -10.05 12.53 14.39
CA GLY A 117 -11.15 13.26 15.05
C GLY A 117 -11.05 14.77 14.85
N ALA A 118 -9.86 15.23 14.46
CA ALA A 118 -9.58 16.65 14.27
C ALA A 118 -9.29 16.98 12.80
N GLY A 119 -9.49 15.99 11.91
CA GLY A 119 -9.37 16.20 10.49
C GLY A 119 -8.09 15.64 9.87
N GLN A 120 -7.21 15.12 10.72
CA GLN A 120 -5.89 14.66 10.27
C GLN A 120 -5.85 13.15 10.03
N ALA A 121 -5.43 12.74 8.84
CA ALA A 121 -5.26 11.31 8.57
C ALA A 121 -4.08 10.75 9.37
N VAL A 122 -4.33 9.65 10.08
CA VAL A 122 -3.30 9.00 10.92
C VAL A 122 -3.16 7.52 10.57
N GLY A 123 -3.90 7.09 9.56
CA GLY A 123 -3.73 5.77 8.96
C GLY A 123 -4.41 5.78 7.62
N TYR A 124 -4.15 4.77 6.82
CA TYR A 124 -4.83 4.68 5.51
C TYR A 124 -4.97 3.23 5.09
N VAL A 125 -5.90 3.00 4.18
CA VAL A 125 -5.89 1.82 3.34
C VAL A 125 -6.13 2.34 1.91
N LEU A 126 -5.37 1.81 0.97
CA LEU A 126 -5.53 2.22 -0.42
C LEU A 126 -5.20 1.03 -1.30
N GLY A 127 -5.48 1.14 -2.59
CA GLY A 127 -5.19 0.02 -3.47
C GLY A 127 -5.74 0.19 -4.86
N THR A 128 -5.88 -0.94 -5.54
CA THR A 128 -6.37 -0.97 -6.90
C THR A 128 -7.41 -2.07 -7.08
N ALA A 129 -8.37 -1.83 -7.96
CA ALA A 129 -9.38 -2.81 -8.31
C ALA A 129 -8.83 -3.91 -9.19
N ASP A 130 -7.77 -3.60 -9.92
CA ASP A 130 -7.25 -4.53 -10.94
C ASP A 130 -5.77 -4.33 -11.15
N THR A 131 -5.01 -5.30 -10.70
CA THR A 131 -3.56 -5.18 -10.68
C THR A 131 -2.96 -5.07 -12.09
N PRO A 132 -3.39 -5.93 -13.05
CA PRO A 132 -2.79 -5.78 -14.38
C PRO A 132 -3.05 -4.39 -15.00
N ARG A 133 -4.27 -3.86 -14.87
CA ARG A 133 -4.54 -2.51 -15.39
C ARG A 133 -3.74 -1.46 -14.62
N PHE A 134 -3.60 -1.68 -13.31
CA PHE A 134 -2.85 -0.72 -12.49
C PHE A 134 -1.39 -0.65 -12.94
N VAL A 135 -0.79 -1.81 -13.20
CA VAL A 135 0.59 -1.85 -13.66
C VAL A 135 0.77 -1.09 -14.97
N ALA A 136 -0.16 -1.28 -15.91
CA ALA A 136 -0.09 -0.56 -17.18
C ALA A 136 -0.24 0.94 -16.96
N ASP A 137 -1.22 1.33 -16.14
CA ASP A 137 -1.45 2.75 -15.88
C ASP A 137 -0.28 3.36 -15.12
N TYR A 138 0.31 2.60 -14.21
CA TYR A 138 1.44 3.09 -13.42
C TYR A 138 2.58 3.45 -14.37
N ARG A 139 2.89 2.56 -15.31
CA ARG A 139 3.97 2.86 -16.25
C ARG A 139 3.64 4.01 -17.19
N ALA A 140 2.41 4.03 -17.74
CA ALA A 140 2.04 5.01 -18.77
C ALA A 140 1.81 6.40 -18.19
N LYS A 141 1.18 6.44 -17.02
CA LYS A 141 0.70 7.71 -16.46
C LYS A 141 1.48 8.19 -15.25
N TRP A 142 1.91 7.27 -14.39
CA TRP A 142 2.55 7.66 -13.14
C TRP A 142 4.07 7.87 -13.26
N LEU A 143 4.76 6.90 -13.83
CA LEU A 143 6.21 7.01 -13.91
C LEU A 143 6.69 8.30 -14.57
N PRO A 144 6.02 8.78 -15.66
CA PRO A 144 6.54 10.04 -16.21
C PRO A 144 6.52 11.21 -15.24
N LEU A 145 5.64 11.14 -14.24
CA LEU A 145 5.48 12.25 -13.28
C LEU A 145 6.58 12.25 -12.21
N VAL A 146 7.21 11.09 -11.99
CA VAL A 146 8.25 10.98 -10.97
C VAL A 146 9.67 10.71 -11.52
N ALA A 147 9.78 10.49 -12.83
CA ALA A 147 11.06 10.09 -13.43
C ALA A 147 12.10 11.20 -13.40
N GLY A 148 11.64 12.45 -13.35
CA GLY A 148 12.57 13.59 -13.19
C GLY A 148 13.26 13.55 -11.82
N ARG A 149 12.47 13.31 -10.78
CA ARG A 149 12.97 13.21 -9.41
C ARG A 149 13.73 11.90 -9.16
N TYR A 150 13.24 10.83 -9.77
CA TYR A 150 13.81 9.48 -9.62
C TYR A 150 14.01 8.83 -11.00
N PRO A 151 15.15 9.12 -11.69
CA PRO A 151 15.39 8.63 -13.05
C PRO A 151 15.41 7.10 -13.18
N GLU A 152 14.99 6.57 -14.33
CA GLU A 152 15.09 5.12 -14.58
C GLU A 152 16.54 4.70 -14.39
N PRO A 153 16.77 3.66 -13.55
CA PRO A 153 18.14 3.20 -13.27
C PRO A 153 18.93 2.76 -14.51
N ARG A 154 20.22 3.06 -14.50
CA ARG A 154 21.13 2.67 -15.59
C ARG A 154 22.10 1.59 -15.17
N HIS A 155 22.29 1.44 -13.86
CA HIS A 155 23.14 0.40 -13.29
C HIS A 155 22.46 -0.28 -12.09
N PRO A 156 22.86 -1.54 -11.75
CA PRO A 156 22.32 -2.24 -10.59
C PRO A 156 22.42 -1.42 -9.30
N PRO A 157 21.42 -1.55 -8.40
CA PRO A 157 21.36 -0.73 -7.19
C PRO A 157 22.63 -0.85 -6.32
N ARG A 158 23.18 0.29 -5.92
CA ARG A 158 24.37 0.32 -5.09
C ARG A 158 24.02 0.54 -3.63
N SER A 159 22.87 1.15 -3.39
CA SER A 159 22.46 1.60 -2.06
C SER A 159 21.02 1.18 -1.80
N PRO A 160 20.59 1.19 -0.52
CA PRO A 160 19.19 0.91 -0.19
C PRO A 160 18.23 1.84 -0.94
N ASP A 161 18.62 3.11 -1.07
CA ASP A 161 17.83 4.09 -1.83
C ASP A 161 17.64 3.67 -3.29
N GLU A 162 18.73 3.26 -3.93
CA GLU A 162 18.67 2.81 -5.31
C GLU A 162 17.87 1.52 -5.46
N GLU A 163 17.84 0.69 -4.41
CA GLU A 163 16.99 -0.50 -4.42
C GLU A 163 15.50 -0.13 -4.53
N ILE A 164 15.07 0.89 -3.79
CA ILE A 164 13.65 1.29 -3.86
C ILE A 164 13.35 2.00 -5.19
N VAL A 165 14.31 2.74 -5.71
CA VAL A 165 14.12 3.37 -7.02
C VAL A 165 13.96 2.29 -8.10
N ALA A 166 14.71 1.19 -7.97
CA ALA A 166 14.52 0.05 -8.88
C ALA A 166 13.11 -0.51 -8.80
N LEU A 167 12.56 -0.64 -7.59
CA LEU A 167 11.17 -1.11 -7.43
C LEU A 167 10.19 -0.13 -8.04
N LEU A 168 10.41 1.17 -7.80
CA LEU A 168 9.60 2.23 -8.38
C LEU A 168 9.50 2.06 -9.90
N HIS A 169 10.63 1.77 -10.53
CA HIS A 169 10.67 1.61 -11.98
C HIS A 169 10.31 0.25 -12.53
N ARG A 170 9.89 -0.65 -11.64
CA ARG A 170 9.44 -1.96 -12.09
C ARG A 170 8.07 -2.30 -11.51
N PRO A 171 7.01 -1.59 -11.96
CA PRO A 171 5.66 -1.95 -11.45
C PRO A 171 5.28 -3.40 -11.86
N GLU A 172 5.95 -3.93 -12.88
CA GLU A 172 5.71 -5.31 -13.33
C GLU A 172 6.03 -6.34 -12.23
N ARG A 173 6.76 -5.91 -11.19
CA ARG A 173 6.94 -6.72 -9.97
C ARG A 173 5.60 -7.19 -9.37
N MET A 174 4.53 -6.43 -9.63
CA MET A 174 3.21 -6.75 -9.11
C MET A 174 2.52 -7.89 -9.84
N LEU A 175 3.05 -8.25 -11.02
CA LEU A 175 2.46 -9.33 -11.84
C LEU A 175 2.96 -10.70 -11.44
N VAL A 176 2.66 -11.07 -10.20
CA VAL A 176 3.11 -12.34 -9.64
C VAL A 176 2.10 -13.40 -10.10
N PRO A 177 2.55 -14.48 -10.75
CA PRO A 177 1.57 -15.41 -11.30
C PRO A 177 0.56 -15.93 -10.28
N GLU A 178 1.03 -16.21 -9.07
CA GLU A 178 0.18 -16.81 -8.05
C GLU A 178 -0.92 -15.90 -7.53
N VAL A 179 -0.82 -14.60 -7.82
CA VAL A 179 -1.86 -13.68 -7.36
C VAL A 179 -2.84 -13.29 -8.47
N ALA A 180 -2.70 -13.91 -9.65
CA ALA A 180 -3.56 -13.56 -10.78
C ALA A 180 -5.07 -13.68 -10.48
N ALA A 181 -5.45 -14.66 -9.65
CA ALA A 181 -6.85 -14.89 -9.30
C ALA A 181 -7.37 -13.93 -8.23
N TYR A 182 -6.52 -13.01 -7.81
CA TYR A 182 -6.87 -12.03 -6.75
C TYR A 182 -6.62 -10.68 -7.38
N PRO A 183 -7.59 -10.18 -8.18
CA PRO A 183 -7.23 -9.04 -9.03
C PRO A 183 -6.89 -7.75 -8.28
N ALA A 184 -7.55 -7.50 -7.15
CA ALA A 184 -7.31 -6.26 -6.43
C ALA A 184 -6.11 -6.42 -5.50
N HIS A 185 -5.44 -5.32 -5.15
CA HIS A 185 -4.48 -5.38 -4.03
C HIS A 185 -4.53 -4.11 -3.22
N LEU A 186 -3.88 -4.13 -2.07
CA LEU A 186 -3.97 -3.01 -1.13
C LEU A 186 -2.66 -2.78 -0.39
N HIS A 187 -2.53 -1.59 0.19
CA HIS A 187 -1.57 -1.28 1.25
C HIS A 187 -2.37 -0.67 2.40
N ILE A 188 -2.03 -1.05 3.62
CA ILE A 188 -2.68 -0.51 4.80
C ILE A 188 -1.60 -0.21 5.84
N ASP A 189 -1.66 1.01 6.39
CA ASP A 189 -0.71 1.44 7.44
C ASP A 189 -1.38 2.35 8.45
N LEU A 190 -0.91 2.24 9.71
CA LEU A 190 -1.34 3.13 10.78
C LEU A 190 -0.13 3.64 11.52
N LEU A 191 -0.18 4.89 11.95
CA LEU A 191 0.88 5.41 12.81
C LEU A 191 0.88 4.61 14.13
N PRO A 192 2.07 4.41 14.72
CA PRO A 192 2.23 3.59 15.92
C PRO A 192 1.21 3.87 17.03
N ASP A 193 0.96 5.15 17.34
CA ASP A 193 0.04 5.49 18.45
C ASP A 193 -1.41 5.07 18.19
N TRP A 194 -1.71 4.76 16.93
CA TRP A 194 -3.05 4.42 16.53
C TRP A 194 -3.25 2.92 16.32
N GLN A 195 -2.19 2.16 16.52
CA GLN A 195 -2.27 0.68 16.41
C GLN A 195 -2.84 0.06 17.69
N GLY A 196 -3.37 -1.17 17.57
CA GLY A 196 -3.90 -1.89 18.73
C GLY A 196 -5.18 -1.28 19.29
N ARG A 197 -5.95 -0.63 18.42
CA ARG A 197 -7.18 0.05 18.83
C ARG A 197 -8.40 -0.39 18.01
N GLY A 198 -8.19 -1.37 17.12
CA GLY A 198 -9.26 -1.87 16.26
C GLY A 198 -9.43 -1.11 14.95
N TYR A 199 -8.66 -0.05 14.74
CA TYR A 199 -8.84 0.78 13.54
C TYR A 199 -8.33 0.14 12.26
N GLY A 200 -7.33 -0.73 12.36
CA GLY A 200 -6.84 -1.46 11.16
C GLY A 200 -7.98 -2.29 10.58
N ARG A 201 -8.73 -2.94 11.47
CA ARG A 201 -9.90 -3.71 11.05
C ARG A 201 -10.96 -2.83 10.40
N ALA A 202 -11.24 -1.66 11.01
CA ALA A 202 -12.22 -0.73 10.44
C ALA A 202 -11.83 -0.30 9.04
N LEU A 203 -10.55 0.07 8.86
CA LEU A 203 -10.03 0.40 7.52
C LEU A 203 -10.20 -0.76 6.55
N MET A 204 -9.75 -1.95 6.95
CA MET A 204 -9.79 -3.11 6.07
C MET A 204 -11.21 -3.42 5.63
N GLU A 205 -12.15 -3.43 6.57
CA GLU A 205 -13.53 -3.79 6.23
C GLU A 205 -14.16 -2.78 5.27
N THR A 206 -13.83 -1.51 5.46
CA THR A 206 -14.30 -0.47 4.57
C THR A 206 -13.77 -0.70 3.15
N PHE A 207 -12.49 -0.99 3.03
CA PHE A 207 -11.86 -1.21 1.73
C PHE A 207 -12.45 -2.44 1.04
N LEU A 208 -12.62 -3.53 1.78
CA LEU A 208 -13.16 -4.78 1.21
C LEU A 208 -14.59 -4.54 0.70
N ARG A 209 -15.39 -3.77 1.45
CA ARG A 209 -16.75 -3.46 1.00
C ARG A 209 -16.73 -2.64 -0.29
N ALA A 210 -15.78 -1.70 -0.37
CA ALA A 210 -15.65 -0.86 -1.56
C ALA A 210 -15.29 -1.69 -2.78
N LEU A 211 -14.40 -2.68 -2.60
CA LEU A 211 -14.06 -3.55 -3.72
C LEU A 211 -15.23 -4.42 -4.11
N HIS A 212 -15.92 -4.98 -3.13
CA HIS A 212 -17.01 -5.88 -3.46
C HIS A 212 -18.15 -5.14 -4.17
N GLU A 213 -18.40 -3.89 -3.75
CA GLU A 213 -19.43 -3.07 -4.39
C GLU A 213 -19.11 -2.77 -5.86
N ARG A 214 -17.81 -2.70 -6.16
CA ARG A 214 -17.33 -2.48 -7.52
C ARG A 214 -17.26 -3.77 -8.33
N GLY A 215 -17.66 -4.89 -7.73
CA GLY A 215 -17.72 -6.16 -8.45
C GLY A 215 -16.44 -6.96 -8.45
N VAL A 216 -15.49 -6.59 -7.58
CA VAL A 216 -14.22 -7.32 -7.50
C VAL A 216 -14.29 -8.29 -6.35
N ALA A 217 -14.08 -9.57 -6.66
CA ALA A 217 -14.36 -10.67 -5.72
C ALA A 217 -13.19 -11.07 -4.82
N ALA A 218 -11.97 -10.66 -5.17
CA ALA A 218 -10.79 -11.17 -4.49
C ALA A 218 -9.67 -10.14 -4.48
N VAL A 219 -8.87 -10.20 -3.43
CA VAL A 219 -7.84 -9.20 -3.18
C VAL A 219 -6.61 -9.86 -2.60
N HIS A 220 -5.43 -9.33 -2.94
CA HIS A 220 -4.21 -9.77 -2.31
C HIS A 220 -3.42 -8.62 -1.75
N LEU A 221 -2.35 -8.96 -1.03
CA LEU A 221 -1.38 -7.97 -0.57
C LEU A 221 -0.04 -8.65 -0.41
N SER A 222 1.01 -7.83 -0.37
CA SER A 222 2.34 -8.33 -0.05
C SER A 222 2.77 -7.85 1.33
N MET A 223 3.62 -8.64 1.97
CA MET A 223 4.20 -8.27 3.26
C MET A 223 5.59 -8.87 3.35
N VAL A 224 6.43 -8.25 4.16
CA VAL A 224 7.74 -8.78 4.44
C VAL A 224 7.58 -10.02 5.30
N SER A 225 8.07 -11.16 4.80
CA SER A 225 7.88 -12.46 5.47
C SER A 225 8.31 -12.46 6.94
N ALA A 226 9.41 -11.78 7.22
CA ALA A 226 9.96 -11.69 8.58
C ALA A 226 9.06 -10.90 9.55
N ASN A 227 8.13 -10.13 9.00
CA ASN A 227 7.25 -9.30 9.83
C ASN A 227 6.06 -10.10 10.35
N THR A 228 6.32 -10.95 11.33
CA THR A 228 5.31 -11.85 11.89
C THR A 228 4.15 -11.12 12.61
N PRO A 229 4.41 -9.96 13.25
CA PRO A 229 3.23 -9.22 13.77
C PRO A 229 2.24 -8.81 12.68
N ALA A 230 2.75 -8.41 11.51
CA ALA A 230 1.86 -8.08 10.38
C ALA A 230 1.11 -9.34 9.92
N ARG A 231 1.80 -10.47 9.91
CA ARG A 231 1.17 -11.72 9.50
C ARG A 231 -0.03 -12.03 10.38
N ALA A 232 0.10 -11.86 11.70
CA ALA A 232 -1.00 -12.12 12.62
C ALA A 232 -2.15 -11.14 12.40
N PHE A 233 -1.80 -9.87 12.16
CA PHE A 233 -2.78 -8.83 11.84
C PHE A 233 -3.66 -9.26 10.65
N TYR A 234 -3.03 -9.69 9.57
CA TYR A 234 -3.76 -10.10 8.39
C TYR A 234 -4.51 -11.40 8.60
N ASP A 235 -3.93 -12.32 9.37
CA ASP A 235 -4.63 -13.54 9.70
C ASP A 235 -5.97 -13.27 10.40
N ARG A 236 -5.96 -12.32 11.34
CA ARG A 236 -7.16 -11.94 12.10
C ARG A 236 -8.21 -11.26 11.21
N LEU A 237 -7.76 -10.74 10.07
CA LEU A 237 -8.66 -10.11 9.11
C LEU A 237 -9.09 -11.06 7.99
N GLY A 238 -8.88 -12.35 8.19
CA GLY A 238 -9.41 -13.37 7.27
C GLY A 238 -8.56 -13.69 6.05
N PHE A 239 -7.31 -13.22 6.04
CA PHE A 239 -6.40 -13.49 4.91
C PHE A 239 -5.77 -14.88 5.04
N HIS A 240 -5.50 -15.48 3.90
CA HIS A 240 -4.75 -16.74 3.85
C HIS A 240 -3.47 -16.54 3.06
N GLU A 241 -2.52 -17.45 3.23
CA GLU A 241 -1.26 -17.39 2.49
C GLU A 241 -1.49 -17.87 1.07
N ILE A 242 -1.10 -17.03 0.10
CA ILE A 242 -1.12 -17.42 -1.30
C ILE A 242 0.17 -18.13 -1.68
N ALA A 243 1.30 -17.47 -1.41
CA ALA A 243 2.60 -17.92 -1.85
C ALA A 243 3.71 -17.15 -1.15
N VAL A 244 4.83 -17.82 -0.98
CA VAL A 244 6.05 -17.18 -0.53
C VAL A 244 7.14 -17.53 -1.56
N PRO A 245 7.21 -16.75 -2.67
CA PRO A 245 8.15 -17.07 -3.75
C PRO A 245 9.62 -17.10 -3.33
N GLY A 248 13.31 -14.74 -2.05
CA GLY A 248 12.57 -13.50 -1.88
C GLY A 248 12.13 -13.26 -0.45
N PRO A 249 12.10 -11.99 -0.03
CA PRO A 249 11.69 -11.75 1.34
C PRO A 249 10.20 -11.41 1.48
N VAL A 250 9.38 -11.79 0.49
CA VAL A 250 7.99 -11.31 0.37
C VAL A 250 7.00 -12.45 0.45
N THR A 251 5.97 -12.27 1.28
CA THR A 251 4.84 -13.18 1.34
C THR A 251 3.60 -12.51 0.74
N TYR A 252 2.84 -13.26 -0.05
CA TYR A 252 1.56 -12.80 -0.59
C TYR A 252 0.42 -13.47 0.15
N LEU A 253 -0.53 -12.64 0.60
CA LEU A 253 -1.74 -13.08 1.30
C LEU A 253 -2.96 -12.63 0.51
N GLY A 254 -4.07 -13.31 0.71
CA GLY A 254 -5.27 -12.89 -0.01
C GLY A 254 -6.54 -13.39 0.64
N ARG A 255 -7.65 -12.90 0.12
CA ARG A 255 -8.99 -13.39 0.52
C ARG A 255 -10.05 -12.95 -0.46
N SER A 256 -11.23 -13.51 -0.33
CA SER A 256 -12.39 -12.99 -1.05
C SER A 256 -12.83 -11.69 -0.38
N THR A 257 -13.45 -10.80 -1.16
CA THR A 257 -13.85 -9.51 -0.63
C THR A 257 -15.22 -9.51 0.04
N ALA A 258 -16.05 -10.51 -0.23
CA ALA A 258 -17.35 -10.64 0.43
C ALA A 258 -17.16 -10.68 1.94
N GLU A 259 -18.11 -10.09 2.67
CA GLU A 259 -18.05 -9.97 4.11
C GLU A 259 -18.34 -11.32 4.77
CL CL B . 5.37 -5.79 5.93
#